data_2FY2
#
_entry.id   2FY2
#
_cell.length_a   54.740
_cell.length_b   75.750
_cell.length_c   165.690
_cell.angle_alpha   90.00
_cell.angle_beta   90.00
_cell.angle_gamma   90.00
#
_symmetry.space_group_name_H-M   'P 21 21 21'
#
loop_
_entity.id
_entity.type
_entity.pdbx_description
1 polymer 'Choline O-acetyltransferase'
2 water water
#
_entity_poly.entity_id   1
_entity_poly.type   'polypeptide(L)'
_entity_poly.pdbx_seq_one_letter_code
;AAAKTPSSEESGLPKLPVPPLQQTLATYLQCMRHLVSEEQFRKSQAIVQQFGAPGGLGETLQQKLLERQEKTANWVSEYW
LNDMYLNNRLALPVNSSPAVIFARQHFPGTDDQLRFAASLISGVLSYKALLDSHSIPTDCAKGQLSGQPLCMKQYYGLFS
SYRLPGHTQDTLVAQNSSIMPEPEHVIVACCNQFFVLDVVINFRRLSEGDLFTQLRKIVKMASNAAARLPPIGLLTSDGR
SEWAEARTVLVKDSTNRDSLDMIERCICLVCLDAPGGVELSDTHRALQLLHGGGYSKNGANRWYDKSLQFVVGRDGTCGV
VCEHSPFDGIVLVQCTEHLLKHMTQPELVRSPMVPLPAPRRLRWKCSPEIQGHLASSAEKLQRIVKNLDFIVYKFDNYGK
TFIKKQKCSPDAFIQVALQLAFYRLHRRLVPTYESASIRRFQEGRVDNIRSATPEALAFVRAVTDHKAAVPASEKLLLLK
DAIRAQTAYTVMAITGMAIDNHLLALRELARAMCAALPEMFMDETYLMSNRFVLSTSQVPTTTEMFCCYGPVVPNGYGAC
YNPQPETILFCISSFHSCAATSSSKFAKAVEESLIDMRDLCSLLPPTESKPL
;
_entity_poly.pdbx_strand_id   A
#
# COMPACT_ATOMS: atom_id res chain seq x y z
N SER A 8 3.94 31.11 14.40
CA SER A 8 4.97 30.75 13.46
C SER A 8 4.68 29.43 12.76
N GLU A 9 5.80 28.71 12.61
CA GLU A 9 6.01 27.41 11.90
C GLU A 9 5.40 26.17 12.61
N GLU A 10 4.78 26.38 13.80
CA GLU A 10 4.18 25.25 14.51
C GLU A 10 2.80 24.90 13.90
N SER A 11 2.50 23.61 13.76
CA SER A 11 1.29 23.16 13.17
C SER A 11 0.09 23.57 13.93
N GLY A 12 -0.89 24.10 13.21
CA GLY A 12 -2.12 24.51 13.84
C GLY A 12 -3.12 23.35 13.91
N LEU A 13 -2.68 22.15 13.47
CA LEU A 13 -3.54 20.97 13.48
C LEU A 13 -3.68 20.46 14.94
N PRO A 14 -4.75 19.67 15.17
CA PRO A 14 -4.88 19.06 16.49
C PRO A 14 -4.01 17.81 16.61
N LYS A 15 -3.65 17.44 17.84
CA LYS A 15 -2.84 16.25 18.05
C LYS A 15 -3.73 15.02 18.06
N LEU A 16 -3.17 13.89 17.65
CA LEU A 16 -3.93 12.64 17.64
C LEU A 16 -4.47 12.39 19.04
N PRO A 17 -5.78 12.25 19.12
CA PRO A 17 -6.43 12.04 20.39
C PRO A 17 -6.19 10.71 21.09
N VAL A 18 -6.01 10.71 22.43
CA VAL A 18 -5.87 9.44 23.16
C VAL A 18 -7.22 9.07 23.72
N PRO A 19 -7.80 7.97 23.23
CA PRO A 19 -9.05 7.52 23.74
C PRO A 19 -8.94 7.08 25.15
N PRO A 20 -10.09 7.16 25.85
CA PRO A 20 -10.16 6.75 27.25
C PRO A 20 -9.92 5.27 27.35
N LEU A 21 -9.12 4.92 28.35
CA LEU A 21 -8.70 3.55 28.50
C LEU A 21 -9.87 2.57 28.46
N GLN A 22 -10.88 2.81 29.29
CA GLN A 22 -12.01 1.90 29.37
C GLN A 22 -12.80 1.79 28.07
N GLN A 23 -12.83 2.87 27.29
CA GLN A 23 -13.55 2.87 26.02
C GLN A 23 -12.91 1.88 25.06
N THR A 24 -11.59 1.91 24.98
CA THR A 24 -10.87 1.02 24.09
C THR A 24 -10.98 -0.45 24.53
N LEU A 25 -10.84 -0.69 25.82
CA LEU A 25 -10.93 -2.05 26.33
C LEU A 25 -12.29 -2.68 26.05
N ALA A 26 -13.36 -1.92 26.28
CA ALA A 26 -14.71 -2.44 26.04
C ALA A 26 -14.91 -2.72 24.55
N THR A 27 -14.53 -1.79 23.70
CA THR A 27 -14.65 -1.97 22.25
C THR A 27 -13.86 -3.20 21.81
N TYR A 28 -12.64 -3.33 22.33
CA TYR A 28 -11.76 -4.45 22.01
C TYR A 28 -12.44 -5.81 22.27
N LEU A 29 -12.98 -5.98 23.48
CA LEU A 29 -13.67 -7.23 23.83
C LEU A 29 -14.88 -7.42 22.91
N GLN A 30 -15.61 -6.32 22.67
CA GLN A 30 -16.77 -6.34 21.80
C GLN A 30 -16.37 -6.77 20.38
N CYS A 31 -15.19 -6.36 19.95
CA CYS A 31 -14.68 -6.70 18.61
C CYS A 31 -14.31 -8.16 18.46
N MET A 32 -13.76 -8.75 19.51
CA MET A 32 -13.30 -10.13 19.44
C MET A 32 -14.22 -11.24 19.93
N ARG A 33 -15.22 -10.88 20.74
CA ARG A 33 -16.13 -11.89 21.29
C ARG A 33 -16.55 -12.97 20.29
N HIS A 34 -17.08 -12.57 19.15
CA HIS A 34 -17.54 -13.53 18.14
C HIS A 34 -16.46 -14.10 17.25
N LEU A 35 -15.20 -13.74 17.51
CA LEU A 35 -14.11 -14.22 16.69
C LEU A 35 -13.21 -15.25 17.38
N VAL A 36 -13.55 -15.59 18.63
CA VAL A 36 -12.78 -16.58 19.38
C VAL A 36 -13.76 -17.48 20.13
N SER A 37 -13.26 -18.59 20.66
CA SER A 37 -14.10 -19.52 21.42
C SER A 37 -14.68 -18.87 22.66
N GLU A 38 -15.71 -19.50 23.22
CA GLU A 38 -16.37 -18.99 24.42
C GLU A 38 -15.39 -19.08 25.58
N GLU A 39 -14.70 -20.21 25.65
CA GLU A 39 -13.72 -20.46 26.70
C GLU A 39 -12.62 -19.41 26.61
N GLN A 40 -12.11 -19.19 25.40
CA GLN A 40 -11.05 -18.21 25.20
C GLN A 40 -11.53 -16.80 25.52
N PHE A 41 -12.77 -16.49 25.15
CA PHE A 41 -13.33 -15.17 25.42
C PHE A 41 -13.41 -14.97 26.93
N ARG A 42 -13.89 -15.99 27.64
CA ARG A 42 -13.98 -15.91 29.09
C ARG A 42 -12.62 -15.57 29.69
N LYS A 43 -11.57 -16.17 29.14
CA LYS A 43 -10.22 -15.92 29.63
C LYS A 43 -9.77 -14.50 29.30
N SER A 44 -10.10 -14.03 28.11
CA SER A 44 -9.74 -12.68 27.70
C SER A 44 -10.48 -11.64 28.53
N GLN A 45 -11.72 -11.96 28.91
CA GLN A 45 -12.50 -11.05 29.73
C GLN A 45 -11.78 -10.81 31.04
N ALA A 46 -11.31 -11.89 31.66
CA ALA A 46 -10.60 -11.78 32.93
C ALA A 46 -9.27 -11.06 32.77
N ILE A 47 -8.55 -11.38 31.69
CA ILE A 47 -7.27 -10.75 31.42
C ILE A 47 -7.43 -9.23 31.27
N VAL A 48 -8.42 -8.83 30.46
CA VAL A 48 -8.68 -7.40 30.22
C VAL A 48 -9.18 -6.72 31.48
N GLN A 49 -10.02 -7.42 32.23
CA GLN A 49 -10.56 -6.91 33.47
C GLN A 49 -9.39 -6.56 34.41
N GLN A 50 -8.46 -7.49 34.56
CA GLN A 50 -7.30 -7.27 35.42
C GLN A 50 -6.39 -6.16 34.88
N PHE A 51 -6.20 -6.14 33.57
CA PHE A 51 -5.33 -5.13 32.95
C PHE A 51 -5.85 -3.71 33.12
N GLY A 52 -7.16 -3.53 33.03
CA GLY A 52 -7.74 -2.20 33.16
C GLY A 52 -8.39 -1.84 34.49
N ALA A 53 -8.07 -2.59 35.54
CA ALA A 53 -8.64 -2.33 36.85
C ALA A 53 -8.06 -1.08 37.50
N PRO A 54 -8.83 -0.42 38.38
CA PRO A 54 -8.38 0.80 39.08
C PRO A 54 -7.02 0.59 39.73
N GLY A 55 -6.09 1.49 39.44
CA GLY A 55 -4.75 1.39 40.00
C GLY A 55 -3.95 0.27 39.37
N GLY A 56 -4.41 -0.20 38.22
CA GLY A 56 -3.74 -1.29 37.53
C GLY A 56 -2.71 -0.83 36.50
N LEU A 57 -2.13 -1.80 35.80
CA LEU A 57 -1.13 -1.53 34.80
C LEU A 57 -1.67 -0.70 33.64
N GLY A 58 -2.91 -1.00 33.23
CA GLY A 58 -3.53 -0.27 32.13
C GLY A 58 -3.54 1.22 32.36
N GLU A 59 -4.02 1.65 33.52
CA GLU A 59 -4.09 3.07 33.84
C GLU A 59 -2.68 3.67 33.91
N THR A 60 -1.71 2.87 34.35
CA THR A 60 -0.33 3.33 34.43
C THR A 60 0.18 3.61 33.03
N LEU A 61 -0.07 2.68 32.11
CA LEU A 61 0.36 2.87 30.73
C LEU A 61 -0.38 4.04 30.10
N GLN A 62 -1.66 4.19 30.44
CA GLN A 62 -2.48 5.27 29.91
C GLN A 62 -1.89 6.63 30.29
N GLN A 63 -1.35 6.73 31.51
CA GLN A 63 -0.75 7.98 31.97
C GLN A 63 0.52 8.30 31.20
N LYS A 64 1.32 7.27 30.91
CA LYS A 64 2.55 7.47 30.16
C LYS A 64 2.24 7.87 28.73
N LEU A 65 1.14 7.33 28.20
CA LEU A 65 0.71 7.64 26.85
C LEU A 65 0.29 9.10 26.79
N LEU A 66 -0.44 9.55 27.82
CA LEU A 66 -0.88 10.93 27.88
C LEU A 66 0.36 11.83 27.95
N GLU A 67 1.36 11.40 28.72
CA GLU A 67 2.59 12.17 28.84
C GLU A 67 3.26 12.18 27.47
N ARG A 68 3.28 11.04 26.80
CA ARG A 68 3.88 10.93 25.48
C ARG A 68 3.13 11.84 24.49
N GLN A 69 1.81 11.89 24.61
CA GLN A 69 1.02 12.73 23.71
C GLN A 69 1.46 14.19 23.82
N GLU A 70 1.70 14.64 25.05
CA GLU A 70 2.12 16.01 25.27
C GLU A 70 3.52 16.29 24.74
N LYS A 71 4.45 15.38 25.00
CA LYS A 71 5.82 15.55 24.57
C LYS A 71 6.11 15.30 23.09
N THR A 72 5.17 14.72 22.36
CA THR A 72 5.38 14.46 20.94
C THR A 72 4.29 15.09 20.09
N ALA A 73 4.55 15.25 18.78
CA ALA A 73 3.55 15.80 17.88
C ALA A 73 2.46 14.75 17.66
N ASN A 74 2.89 13.48 17.57
CA ASN A 74 1.99 12.35 17.35
C ASN A 74 2.55 11.16 18.14
N TRP A 75 1.82 10.77 19.19
CA TRP A 75 2.25 9.67 20.05
C TRP A 75 2.40 8.28 19.42
N VAL A 76 1.79 8.06 18.25
CA VAL A 76 1.89 6.74 17.63
C VAL A 76 2.78 6.67 16.39
N SER A 77 3.18 7.81 15.85
CA SER A 77 4.01 7.86 14.64
C SER A 77 5.14 6.84 14.58
N GLU A 78 5.98 6.83 15.61
CA GLU A 78 7.12 5.91 15.66
C GLU A 78 6.68 4.45 15.77
N TYR A 79 5.80 4.16 16.74
CA TYR A 79 5.29 2.81 16.94
C TYR A 79 4.65 2.26 15.67
N TRP A 80 3.76 3.07 15.08
CA TRP A 80 3.05 2.67 13.87
C TRP A 80 3.96 2.39 12.69
N LEU A 81 4.86 3.32 12.41
CA LEU A 81 5.78 3.19 11.30
C LEU A 81 6.55 1.88 11.40
N ASN A 82 7.00 1.53 12.60
CA ASN A 82 7.75 0.29 12.81
C ASN A 82 6.85 -0.94 12.74
N ASP A 83 5.77 -0.92 13.52
CA ASP A 83 4.86 -2.05 13.56
C ASP A 83 4.23 -2.38 12.22
N MET A 84 3.82 -1.36 11.48
CA MET A 84 3.18 -1.56 10.20
C MET A 84 4.13 -1.92 9.05
N TYR A 85 5.29 -1.25 8.99
CA TYR A 85 6.20 -1.52 7.85
C TYR A 85 7.65 -1.86 8.16
N LEU A 86 8.41 -0.96 8.79
CA LEU A 86 9.82 -1.19 9.04
C LEU A 86 10.20 -2.51 9.73
N ASN A 87 9.35 -3.06 10.59
CA ASN A 87 9.67 -4.34 11.24
C ASN A 87 9.36 -5.54 10.37
N ASN A 88 8.46 -5.38 9.40
CA ASN A 88 8.08 -6.49 8.54
C ASN A 88 9.30 -7.01 7.77
N ARG A 89 9.55 -8.32 7.87
CA ARG A 89 10.70 -8.93 7.19
C ARG A 89 10.39 -9.39 5.76
N LEU A 90 9.11 -9.53 5.44
CA LEU A 90 8.72 -9.97 4.10
C LEU A 90 9.22 -9.06 2.99
N ALA A 91 9.50 -9.65 1.83
CA ALA A 91 9.97 -8.89 0.68
C ALA A 91 8.88 -7.90 0.31
N LEU A 92 9.29 -6.69 -0.08
CA LEU A 92 8.34 -5.63 -0.44
C LEU A 92 7.38 -5.96 -1.59
N PRO A 93 7.87 -6.65 -2.63
CA PRO A 93 6.99 -6.98 -3.75
C PRO A 93 5.80 -7.82 -3.30
N VAL A 94 4.61 -7.44 -3.75
CA VAL A 94 3.38 -8.17 -3.41
C VAL A 94 2.97 -8.08 -1.94
N ASN A 95 3.90 -8.41 -1.04
CA ASN A 95 3.61 -8.38 0.39
C ASN A 95 3.33 -6.98 0.95
N SER A 96 4.03 -5.97 0.44
CA SER A 96 3.88 -4.61 0.97
C SER A 96 3.65 -3.48 -0.01
N SER A 97 4.39 -3.48 -1.12
CA SER A 97 4.29 -2.41 -2.11
C SER A 97 3.10 -2.48 -3.07
N PRO A 98 2.13 -1.59 -2.89
CA PRO A 98 0.98 -1.63 -3.79
C PRO A 98 1.39 -1.14 -5.17
N ALA A 99 0.56 -1.43 -6.16
CA ALA A 99 0.84 -1.00 -7.52
C ALA A 99 -0.41 -0.39 -8.13
N VAL A 100 -0.21 0.65 -8.94
CA VAL A 100 -1.31 1.29 -9.62
C VAL A 100 -1.09 1.02 -11.10
N ILE A 101 -2.13 0.52 -11.76
CA ILE A 101 -2.05 0.21 -13.18
C ILE A 101 -2.80 1.24 -14.01
N PHE A 102 -2.09 1.89 -14.93
CA PHE A 102 -2.72 2.88 -15.80
C PHE A 102 -3.38 2.11 -16.94
N ALA A 103 -4.15 2.82 -17.75
CA ALA A 103 -4.82 2.19 -18.88
C ALA A 103 -3.76 1.67 -19.84
N ARG A 104 -4.12 0.60 -20.56
CA ARG A 104 -3.22 -0.01 -21.51
C ARG A 104 -2.86 1.05 -22.54
N GLN A 105 -1.59 1.12 -22.91
CA GLN A 105 -1.16 2.10 -23.89
C GLN A 105 -0.78 1.37 -25.18
N HIS A 106 -0.63 2.12 -26.26
CA HIS A 106 -0.26 1.54 -27.54
C HIS A 106 1.00 2.22 -28.08
N PHE A 107 2.10 1.48 -28.08
CA PHE A 107 3.37 2.02 -28.56
C PHE A 107 3.84 1.29 -29.81
N PRO A 108 3.43 1.78 -30.99
CA PRO A 108 3.83 1.16 -32.25
C PRO A 108 5.33 1.02 -32.33
N GLY A 109 6.05 2.08 -31.94
CA GLY A 109 7.50 2.04 -31.96
C GLY A 109 8.13 2.37 -30.62
N THR A 110 9.43 2.17 -30.53
CA THR A 110 10.15 2.47 -29.30
C THR A 110 10.07 3.95 -28.96
N ASP A 111 10.03 4.80 -29.98
CA ASP A 111 9.93 6.24 -29.75
C ASP A 111 8.61 6.63 -29.14
N ASP A 112 7.59 5.80 -29.34
CA ASP A 112 6.28 6.07 -28.76
C ASP A 112 6.39 5.83 -27.27
N GLN A 113 7.04 4.73 -26.91
CA GLN A 113 7.24 4.39 -25.51
C GLN A 113 8.03 5.52 -24.83
N LEU A 114 9.12 5.93 -25.47
CA LEU A 114 9.97 6.99 -24.92
C LEU A 114 9.28 8.33 -24.80
N ARG A 115 8.42 8.66 -25.76
CA ARG A 115 7.68 9.92 -25.71
C ARG A 115 6.75 9.91 -24.49
N PHE A 116 6.14 8.77 -24.22
CA PHE A 116 5.25 8.63 -23.08
C PHE A 116 6.05 8.88 -21.82
N ALA A 117 7.21 8.23 -21.73
CA ALA A 117 8.10 8.36 -20.59
C ALA A 117 8.54 9.80 -20.38
N ALA A 118 8.91 10.47 -21.47
CA ALA A 118 9.35 11.86 -21.39
C ALA A 118 8.21 12.70 -20.85
N SER A 119 7.01 12.46 -21.36
CA SER A 119 5.84 13.21 -20.92
C SER A 119 5.54 12.92 -19.45
N LEU A 120 5.62 11.65 -19.06
CA LEU A 120 5.34 11.28 -17.67
C LEU A 120 6.34 11.95 -16.73
N ILE A 121 7.61 11.95 -17.12
CA ILE A 121 8.65 12.57 -16.30
C ILE A 121 8.34 14.07 -16.17
N SER A 122 7.91 14.67 -17.27
CA SER A 122 7.56 16.09 -17.29
C SER A 122 6.43 16.33 -16.29
N GLY A 123 5.46 15.43 -16.28
CA GLY A 123 4.34 15.54 -15.36
C GLY A 123 4.81 15.43 -13.92
N VAL A 124 5.77 14.55 -13.67
CA VAL A 124 6.31 14.36 -12.32
C VAL A 124 6.97 15.64 -11.81
N LEU A 125 7.79 16.26 -12.65
CA LEU A 125 8.50 17.49 -12.28
C LEU A 125 7.56 18.67 -12.04
N SER A 126 6.49 18.77 -12.83
CA SER A 126 5.53 19.85 -12.67
C SER A 126 4.83 19.70 -11.33
N TYR A 127 4.55 18.45 -10.96
CA TYR A 127 3.89 18.17 -9.69
C TYR A 127 4.82 18.47 -8.52
N LYS A 128 6.08 18.08 -8.66
CA LYS A 128 7.06 18.31 -7.61
C LYS A 128 7.32 19.81 -7.44
N ALA A 129 7.16 20.56 -8.52
CA ALA A 129 7.34 22.00 -8.46
C ALA A 129 6.25 22.61 -7.60
N LEU A 130 5.02 22.13 -7.80
CA LEU A 130 3.91 22.63 -7.00
C LEU A 130 4.14 22.24 -5.55
N LEU A 131 4.61 21.02 -5.37
CA LEU A 131 4.89 20.47 -4.05
C LEU A 131 5.92 21.33 -3.34
N ASP A 132 7.07 21.52 -3.97
CA ASP A 132 8.14 22.32 -3.38
C ASP A 132 7.79 23.79 -3.20
N SER A 133 6.79 24.26 -3.94
CA SER A 133 6.36 25.65 -3.84
C SER A 133 5.19 25.73 -2.85
N HIS A 134 4.88 24.59 -2.23
CA HIS A 134 3.78 24.53 -1.27
C HIS A 134 2.49 25.00 -1.93
N SER A 135 2.38 24.71 -3.22
CA SER A 135 1.20 25.10 -3.98
C SER A 135 0.26 23.92 -4.21
N ILE A 136 0.25 22.97 -3.27
CA ILE A 136 -0.62 21.81 -3.38
C ILE A 136 -1.93 22.16 -2.66
N PRO A 137 -3.07 21.92 -3.32
CA PRO A 137 -4.37 22.22 -2.72
C PRO A 137 -4.46 21.60 -1.33
N THR A 138 -4.37 22.42 -0.28
CA THR A 138 -4.45 21.94 1.10
C THR A 138 -5.57 20.91 1.21
N GLY A 147 -13.97 21.86 4.08
CA GLY A 147 -13.87 20.88 5.13
C GLY A 147 -12.74 21.12 6.12
N GLN A 148 -12.41 20.09 6.89
CA GLN A 148 -11.38 20.12 7.91
C GLN A 148 -9.94 20.07 7.37
N PRO A 149 -9.06 20.95 7.89
CA PRO A 149 -7.66 21.00 7.45
C PRO A 149 -6.99 19.66 7.69
N LEU A 150 -6.15 19.22 6.75
CA LEU A 150 -5.45 17.95 6.88
C LEU A 150 -3.94 18.11 6.86
N CYS A 151 -3.24 17.14 7.44
CA CYS A 151 -1.78 17.15 7.48
C CYS A 151 -1.28 16.93 6.05
N MET A 152 -0.23 17.65 5.69
CA MET A 152 0.32 17.54 4.33
C MET A 152 1.74 16.96 4.29
N LYS A 153 2.24 16.49 5.44
CA LYS A 153 3.59 15.94 5.49
C LYS A 153 3.84 14.84 4.47
N GLN A 154 2.89 13.95 4.32
CA GLN A 154 3.02 12.85 3.36
C GLN A 154 3.44 13.31 1.98
N TYR A 155 2.90 14.42 1.51
CA TYR A 155 3.25 14.94 0.19
C TYR A 155 4.74 15.20 0.05
N TYR A 156 5.34 15.70 1.13
CA TYR A 156 6.76 16.01 1.14
C TYR A 156 7.65 14.78 1.22
N GLY A 157 7.03 13.60 1.30
CA GLY A 157 7.78 12.37 1.37
C GLY A 157 7.66 11.58 0.08
N LEU A 158 7.02 12.16 -0.91
CA LEU A 158 6.82 11.50 -2.19
C LEU A 158 8.09 11.22 -2.98
N PHE A 159 8.96 12.21 -3.09
CA PHE A 159 10.18 12.06 -3.86
C PHE A 159 11.47 12.13 -3.05
N SER A 160 11.35 12.46 -1.77
CA SER A 160 12.53 12.59 -0.92
C SER A 160 12.69 11.45 0.08
N SER A 161 12.03 10.33 -0.19
CA SER A 161 12.10 9.20 0.72
C SER A 161 12.84 8.01 0.13
N TYR A 162 13.40 7.19 1.02
CA TYR A 162 14.12 6.00 0.62
C TYR A 162 14.05 5.02 1.80
N ARG A 163 13.62 3.79 1.53
CA ARG A 163 13.52 2.80 2.60
C ARG A 163 14.73 1.87 2.66
N LEU A 164 15.60 2.15 3.62
CA LEU A 164 16.82 1.39 3.84
C LEU A 164 16.50 0.05 4.53
N PRO A 165 17.14 -1.04 4.11
CA PRO A 165 16.85 -2.32 4.75
C PRO A 165 17.68 -2.44 6.04
N GLY A 166 17.24 -3.32 6.94
CA GLY A 166 17.95 -3.51 8.19
C GLY A 166 17.89 -4.98 8.55
N HIS A 167 18.75 -5.39 9.47
CA HIS A 167 18.78 -6.79 9.92
C HIS A 167 17.46 -7.19 10.56
N THR A 168 16.92 -6.33 11.41
CA THR A 168 15.65 -6.62 12.08
C THR A 168 14.62 -5.50 11.88
N GLN A 169 15.11 -4.29 11.66
CA GLN A 169 14.23 -3.15 11.45
C GLN A 169 14.75 -2.24 10.35
N ASP A 170 13.88 -1.90 9.40
CA ASP A 170 14.25 -1.03 8.30
C ASP A 170 14.32 0.42 8.77
N THR A 171 14.93 1.27 7.95
CA THR A 171 15.05 2.68 8.27
C THR A 171 14.50 3.51 7.11
N LEU A 172 13.57 4.40 7.40
CA LEU A 172 12.99 5.25 6.36
C LEU A 172 13.77 6.55 6.38
N VAL A 173 14.58 6.75 5.34
CA VAL A 173 15.41 7.94 5.24
C VAL A 173 14.66 9.11 4.62
N ALA A 174 14.65 10.22 5.34
CA ALA A 174 14.00 11.44 4.88
C ALA A 174 15.07 12.41 4.40
N GLN A 175 15.11 12.62 3.09
CA GLN A 175 16.06 13.53 2.47
C GLN A 175 15.46 14.93 2.49
N MET A 180 17.55 17.85 -1.87
CA MET A 180 18.20 19.14 -2.08
C MET A 180 19.28 19.05 -3.12
N PRO A 181 19.55 17.87 -3.63
CA PRO A 181 20.58 17.78 -4.63
C PRO A 181 20.43 18.79 -5.76
N GLU A 182 21.58 18.95 -6.39
CA GLU A 182 21.87 19.82 -7.47
C GLU A 182 22.86 19.15 -8.37
N PRO A 183 22.40 18.82 -9.55
CA PRO A 183 21.03 19.03 -9.95
C PRO A 183 20.13 17.91 -9.46
N GLU A 184 18.85 18.05 -9.73
CA GLU A 184 17.91 17.01 -9.38
C GLU A 184 17.99 15.98 -10.53
N HIS A 185 17.80 14.73 -10.20
CA HIS A 185 17.80 13.68 -11.20
C HIS A 185 16.81 12.56 -10.86
N VAL A 186 16.57 11.70 -11.84
CA VAL A 186 15.67 10.54 -11.66
C VAL A 186 16.53 9.35 -12.10
N ILE A 187 16.20 8.14 -11.65
CA ILE A 187 16.96 6.97 -12.08
C ILE A 187 16.15 6.24 -13.16
N VAL A 188 16.75 6.01 -14.32
CA VAL A 188 16.06 5.30 -15.38
C VAL A 188 16.56 3.86 -15.44
N ALA A 189 15.63 2.92 -15.34
CA ALA A 189 15.98 1.50 -15.40
C ALA A 189 15.63 0.95 -16.78
N CYS A 190 16.62 0.37 -17.44
CA CYS A 190 16.42 -0.20 -18.76
C CYS A 190 17.31 -1.42 -18.87
N CYS A 191 16.70 -2.58 -19.12
CA CYS A 191 17.44 -3.83 -19.24
C CYS A 191 18.22 -4.11 -17.96
N ASN A 192 17.60 -3.84 -16.82
CA ASN A 192 18.20 -4.05 -15.51
C ASN A 192 19.41 -3.17 -15.24
N GLN A 193 19.64 -2.22 -16.14
CA GLN A 193 20.75 -1.28 -16.00
C GLN A 193 20.17 0.04 -15.49
N PHE A 194 20.87 0.71 -14.57
CA PHE A 194 20.38 1.97 -14.02
C PHE A 194 21.19 3.18 -14.51
N PHE A 195 20.48 4.24 -14.88
CA PHE A 195 21.12 5.46 -15.36
C PHE A 195 20.63 6.71 -14.65
N VAL A 196 21.56 7.60 -14.35
CA VAL A 196 21.23 8.86 -13.72
C VAL A 196 20.80 9.83 -14.80
N LEU A 197 19.57 10.33 -14.70
CA LEU A 197 19.08 11.30 -15.68
C LEU A 197 18.81 12.62 -14.99
N ASP A 198 19.71 13.59 -15.16
CA ASP A 198 19.52 14.91 -14.56
C ASP A 198 18.32 15.54 -15.24
N VAL A 199 17.35 15.99 -14.44
CA VAL A 199 16.13 16.58 -14.98
C VAL A 199 15.98 18.07 -14.65
N VAL A 200 16.81 18.54 -13.69
CA VAL A 200 16.80 19.95 -13.22
C VAL A 200 18.23 20.38 -12.94
N ILE A 201 18.56 21.56 -13.36
CA ILE A 201 19.93 22.04 -13.25
C ILE A 201 19.86 23.53 -13.07
N ASN A 202 20.05 24.04 -11.85
CA ASN A 202 19.94 25.48 -11.66
C ASN A 202 18.53 25.97 -12.04
N PHE A 203 17.54 25.42 -11.34
CA PHE A 203 16.14 25.76 -11.61
C PHE A 203 15.84 25.62 -13.12
N ARG A 204 16.80 25.02 -13.83
CA ARG A 204 16.65 24.69 -15.25
C ARG A 204 15.94 23.33 -15.30
N ARG A 205 14.85 23.23 -16.05
CA ARG A 205 14.06 22.01 -16.06
C ARG A 205 13.88 21.40 -17.46
N LEU A 206 14.66 20.35 -17.74
CA LEU A 206 14.64 19.66 -19.03
C LEU A 206 13.33 19.62 -19.79
N SER A 207 13.40 20.01 -21.07
CA SER A 207 12.25 20.02 -21.96
C SER A 207 11.84 18.59 -22.25
N GLU A 208 10.56 18.41 -22.57
CA GLU A 208 10.04 17.10 -22.88
C GLU A 208 10.87 16.56 -24.04
N GLY A 209 11.35 17.48 -24.87
CA GLY A 209 12.16 17.12 -26.01
C GLY A 209 13.54 16.60 -25.64
N ASP A 210 14.18 17.24 -24.68
CA ASP A 210 15.51 16.82 -24.25
C ASP A 210 15.41 15.47 -23.55
N LEU A 211 14.33 15.28 -22.82
CA LEU A 211 14.11 14.02 -22.10
C LEU A 211 14.02 12.88 -23.11
N PHE A 212 13.31 13.11 -24.21
CA PHE A 212 13.16 12.12 -25.27
C PHE A 212 14.54 11.75 -25.83
N THR A 213 15.34 12.77 -26.09
CA THR A 213 16.69 12.57 -26.62
C THR A 213 17.55 11.78 -25.64
N GLN A 214 17.46 12.13 -24.35
CA GLN A 214 18.22 11.46 -23.32
C GLN A 214 17.79 10.00 -23.17
N LEU A 215 16.49 9.77 -23.23
CA LEU A 215 15.97 8.42 -23.10
C LEU A 215 16.49 7.56 -24.24
N ARG A 216 16.59 8.14 -25.44
CA ARG A 216 17.10 7.41 -26.60
C ARG A 216 18.54 6.98 -26.34
N LYS A 217 19.34 7.86 -25.78
CA LYS A 217 20.73 7.53 -25.49
C LYS A 217 20.76 6.37 -24.51
N ILE A 218 19.91 6.44 -23.49
CA ILE A 218 19.85 5.40 -22.47
C ILE A 218 19.54 4.04 -23.11
N VAL A 219 18.48 3.97 -23.90
CA VAL A 219 18.09 2.73 -24.57
C VAL A 219 19.27 2.14 -25.36
N LYS A 220 20.05 3.01 -25.99
CA LYS A 220 21.19 2.56 -26.79
C LYS A 220 22.30 1.99 -25.92
N MET A 221 22.71 2.71 -24.87
CA MET A 221 23.75 2.22 -23.99
C MET A 221 23.31 0.93 -23.31
N ALA A 222 22.06 0.90 -22.85
CA ALA A 222 21.51 -0.26 -22.16
C ALA A 222 21.63 -1.51 -23.02
N SER A 223 21.70 -1.32 -24.33
CA SER A 223 21.81 -2.42 -25.28
C SER A 223 23.26 -2.82 -25.58
N ASN A 224 24.21 -2.23 -24.86
CA ASN A 224 25.63 -2.53 -25.06
C ASN A 224 26.08 -3.73 -24.22
N ALA A 225 26.33 -4.85 -24.89
CA ALA A 225 26.76 -6.06 -24.20
C ALA A 225 28.04 -5.88 -23.40
N ALA A 226 29.06 -5.31 -24.03
CA ALA A 226 30.35 -5.11 -23.38
C ALA A 226 30.27 -4.25 -22.14
N ALA A 227 29.16 -3.53 -21.96
CA ALA A 227 29.00 -2.66 -20.81
C ALA A 227 27.91 -3.12 -19.84
N ARG A 228 27.26 -4.25 -20.13
CA ARG A 228 26.20 -4.72 -19.26
C ARG A 228 26.68 -5.15 -17.89
N LEU A 229 25.99 -4.67 -16.86
CA LEU A 229 26.34 -4.99 -15.48
C LEU A 229 25.31 -5.92 -14.84
N PRO A 230 25.67 -6.55 -13.71
CA PRO A 230 24.75 -7.46 -13.02
C PRO A 230 23.44 -6.75 -12.64
N PRO A 231 22.33 -7.51 -12.57
CA PRO A 231 21.02 -6.94 -12.22
C PRO A 231 20.86 -6.72 -10.71
N ILE A 232 21.66 -5.81 -10.18
CA ILE A 232 21.64 -5.48 -8.76
C ILE A 232 20.25 -5.15 -8.20
N GLY A 233 19.38 -4.60 -9.04
CA GLY A 233 18.04 -4.26 -8.57
C GLY A 233 17.24 -5.47 -8.06
N LEU A 234 17.60 -6.65 -8.55
CA LEU A 234 16.95 -7.90 -8.16
C LEU A 234 17.07 -8.12 -6.65
N LEU A 235 18.15 -7.60 -6.07
CA LEU A 235 18.41 -7.74 -4.65
C LEU A 235 17.40 -7.02 -3.75
N THR A 236 16.84 -5.93 -4.25
CA THR A 236 15.87 -5.16 -3.48
C THR A 236 14.50 -5.82 -3.43
N SER A 237 14.33 -6.93 -4.16
CA SER A 237 13.05 -7.64 -4.18
C SER A 237 13.01 -8.80 -3.19
N ASP A 238 14.12 -9.04 -2.50
CA ASP A 238 14.23 -10.13 -1.54
C ASP A 238 13.69 -9.73 -0.17
N GLY A 239 13.74 -10.65 0.79
CA GLY A 239 13.28 -10.36 2.13
C GLY A 239 14.12 -9.20 2.64
N ARG A 240 13.60 -8.45 3.60
CA ARG A 240 14.33 -7.30 4.11
C ARG A 240 15.67 -7.62 4.80
N SER A 241 15.73 -8.71 5.55
CA SER A 241 16.98 -9.08 6.21
C SER A 241 17.96 -9.60 5.17
N GLU A 242 17.45 -10.31 4.16
CA GLU A 242 18.32 -10.83 3.12
C GLU A 242 18.92 -9.71 2.27
N TRP A 243 18.12 -8.68 1.99
CA TRP A 243 18.59 -7.53 1.20
C TRP A 243 19.58 -6.72 2.03
N ALA A 244 19.30 -6.59 3.34
CA ALA A 244 20.19 -5.85 4.23
C ALA A 244 21.57 -6.50 4.24
N GLU A 245 21.60 -7.83 4.26
CA GLU A 245 22.85 -8.57 4.28
C GLU A 245 23.61 -8.38 2.97
N ALA A 246 22.90 -8.45 1.85
CA ALA A 246 23.52 -8.28 0.53
C ALA A 246 24.00 -6.85 0.34
N ARG A 247 23.23 -5.89 0.83
CA ARG A 247 23.62 -4.48 0.70
C ARG A 247 24.90 -4.25 1.50
N THR A 248 25.05 -4.95 2.61
CA THR A 248 26.24 -4.82 3.44
C THR A 248 27.47 -5.25 2.65
N VAL A 249 27.33 -6.30 1.84
CA VAL A 249 28.45 -6.75 1.04
C VAL A 249 28.75 -5.65 0.03
N LEU A 250 27.71 -5.13 -0.61
CA LEU A 250 27.85 -4.07 -1.60
C LEU A 250 28.61 -2.84 -1.11
N VAL A 251 28.19 -2.32 0.04
CA VAL A 251 28.78 -1.13 0.61
C VAL A 251 30.29 -1.18 0.85
N LYS A 252 30.86 -2.38 0.88
CA LYS A 252 32.28 -2.53 1.09
C LYS A 252 33.08 -1.79 0.01
N ASP A 253 32.55 -1.77 -1.21
CA ASP A 253 33.21 -1.12 -2.32
C ASP A 253 32.77 0.34 -2.54
N SER A 254 33.75 1.20 -2.79
CA SER A 254 33.53 2.63 -3.01
C SER A 254 32.64 2.96 -4.20
N THR A 255 32.73 2.16 -5.26
CA THR A 255 31.92 2.38 -6.46
C THR A 255 30.45 2.08 -6.16
N ASN A 256 30.20 0.96 -5.50
CA ASN A 256 28.83 0.59 -5.16
C ASN A 256 28.20 1.64 -4.24
N ARG A 257 29.00 2.16 -3.30
CA ARG A 257 28.50 3.19 -2.38
C ARG A 257 28.00 4.40 -3.14
N ASP A 258 28.73 4.78 -4.17
CA ASP A 258 28.38 5.92 -5.00
C ASP A 258 27.07 5.68 -5.75
N SER A 259 26.96 4.51 -6.39
CA SER A 259 25.76 4.19 -7.14
C SER A 259 24.53 4.11 -6.25
N LEU A 260 24.68 3.44 -5.10
CA LEU A 260 23.58 3.32 -4.16
C LEU A 260 23.15 4.71 -3.74
N ASP A 261 24.13 5.56 -3.45
CA ASP A 261 23.84 6.93 -3.04
C ASP A 261 22.98 7.66 -4.06
N MET A 262 23.30 7.49 -5.34
CA MET A 262 22.57 8.15 -6.40
C MET A 262 21.13 7.65 -6.45
N ILE A 263 20.93 6.37 -6.20
CA ILE A 263 19.60 5.79 -6.20
C ILE A 263 18.81 6.33 -5.00
N GLU A 264 19.47 6.34 -3.84
CA GLU A 264 18.88 6.82 -2.60
C GLU A 264 18.46 8.29 -2.64
N ARG A 265 19.07 9.07 -3.52
CA ARG A 265 18.75 10.50 -3.60
C ARG A 265 18.01 10.95 -4.86
N CYS A 266 17.57 10.00 -5.68
CA CYS A 266 16.84 10.34 -6.89
C CYS A 266 15.41 10.75 -6.55
N ILE A 267 14.74 11.38 -7.50
CA ILE A 267 13.37 11.82 -7.31
C ILE A 267 12.42 10.62 -7.38
N CYS A 268 12.75 9.68 -8.26
CA CYS A 268 11.95 8.48 -8.45
C CYS A 268 12.61 7.69 -9.55
N LEU A 269 12.07 6.52 -9.84
CA LEU A 269 12.59 5.69 -10.92
C LEU A 269 11.64 5.65 -12.09
N VAL A 270 12.23 5.42 -13.24
CA VAL A 270 11.45 5.21 -14.42
C VAL A 270 11.96 3.94 -15.08
N CYS A 271 11.09 2.94 -15.08
CA CYS A 271 11.44 1.64 -15.60
C CYS A 271 10.91 1.41 -17.01
N LEU A 272 11.85 1.32 -17.94
CA LEU A 272 11.50 1.03 -19.32
C LEU A 272 11.49 -0.49 -19.46
N ASP A 273 10.38 -1.12 -19.14
CA ASP A 273 10.25 -2.58 -19.11
C ASP A 273 10.23 -3.30 -20.46
N ALA A 274 10.87 -4.49 -20.57
CA ALA A 274 10.84 -5.21 -21.85
C ALA A 274 9.44 -5.71 -22.21
N PRO A 275 9.27 -6.35 -23.41
CA PRO A 275 7.91 -6.82 -23.74
C PRO A 275 7.32 -7.77 -22.77
N GLY A 276 6.04 -7.64 -22.54
CA GLY A 276 5.39 -8.62 -21.71
C GLY A 276 5.35 -9.89 -22.56
N GLY A 277 5.14 -11.04 -21.97
CA GLY A 277 5.11 -12.26 -22.81
C GLY A 277 3.69 -12.77 -23.03
N VAL A 278 2.85 -12.44 -22.08
CA VAL A 278 1.46 -12.83 -22.05
C VAL A 278 0.55 -11.74 -22.63
N GLU A 279 -0.76 -11.99 -22.65
CA GLU A 279 -1.74 -11.02 -23.16
C GLU A 279 -1.83 -9.82 -22.22
N LEU A 280 -2.11 -8.65 -22.78
CA LEU A 280 -2.20 -7.41 -22.01
C LEU A 280 -3.49 -7.13 -21.22
N SER A 281 -4.11 -8.18 -20.66
CA SER A 281 -5.33 -8.00 -19.88
C SER A 281 -5.03 -7.22 -18.59
N ASP A 282 -6.08 -6.81 -17.89
CA ASP A 282 -5.92 -6.06 -16.66
C ASP A 282 -5.19 -6.85 -15.58
N THR A 283 -5.49 -8.15 -15.49
CA THR A 283 -4.84 -9.01 -14.50
C THR A 283 -3.34 -9.16 -14.78
N HIS A 284 -3.00 -9.35 -16.05
CA HIS A 284 -1.60 -9.53 -16.42
C HIS A 284 -0.76 -8.26 -16.28
N ARG A 285 -1.32 -7.12 -16.68
CA ARG A 285 -0.59 -5.87 -16.56
C ARG A 285 -0.31 -5.59 -15.09
N ALA A 286 -1.29 -5.89 -14.24
CA ALA A 286 -1.13 -5.68 -12.81
C ALA A 286 -0.01 -6.57 -12.28
N LEU A 287 0.06 -7.81 -12.77
CA LEU A 287 1.09 -8.73 -12.34
C LEU A 287 2.49 -8.17 -12.61
N GLN A 288 2.66 -7.54 -13.77
CA GLN A 288 3.94 -6.97 -14.13
C GLN A 288 4.30 -5.80 -13.21
N LEU A 289 3.28 -5.03 -12.81
CA LEU A 289 3.51 -3.89 -11.93
C LEU A 289 3.76 -4.35 -10.50
N LEU A 290 3.22 -5.51 -10.14
CA LEU A 290 3.40 -6.04 -8.80
C LEU A 290 4.78 -6.63 -8.57
N HIS A 291 5.22 -7.50 -9.47
CA HIS A 291 6.52 -8.13 -9.32
C HIS A 291 7.34 -8.27 -10.61
N GLY A 292 6.96 -7.52 -11.65
CA GLY A 292 7.69 -7.56 -12.90
C GLY A 292 7.70 -8.90 -13.62
N GLY A 293 7.02 -9.89 -13.07
CA GLY A 293 6.98 -11.19 -13.71
C GLY A 293 8.20 -12.06 -13.43
N GLY A 294 9.03 -11.65 -12.48
CA GLY A 294 10.22 -12.43 -12.16
C GLY A 294 11.47 -12.01 -12.92
N TYR A 295 12.62 -12.57 -12.55
CA TYR A 295 13.86 -12.22 -13.22
C TYR A 295 13.82 -12.39 -14.73
N SER A 296 13.25 -13.49 -15.21
CA SER A 296 13.17 -13.76 -16.64
C SER A 296 12.46 -12.65 -17.41
N LYS A 297 11.59 -11.91 -16.72
CA LYS A 297 10.86 -10.83 -17.37
C LYS A 297 11.44 -9.47 -16.96
N ASN A 298 10.68 -8.70 -16.19
CA ASN A 298 11.11 -7.38 -15.75
C ASN A 298 11.33 -7.29 -14.25
N GLY A 299 11.42 -8.45 -13.59
CA GLY A 299 11.60 -8.48 -12.15
C GLY A 299 12.82 -7.79 -11.58
N ALA A 300 13.88 -7.67 -12.37
CA ALA A 300 15.11 -7.02 -11.92
C ALA A 300 15.22 -5.57 -12.36
N ASN A 301 14.31 -5.14 -13.23
CA ASN A 301 14.32 -3.77 -13.73
C ASN A 301 13.58 -2.90 -12.71
N ARG A 302 14.01 -3.01 -11.46
CA ARG A 302 13.35 -2.29 -10.37
C ARG A 302 14.30 -1.97 -9.22
N TRP A 303 13.79 -1.22 -8.25
CA TRP A 303 14.50 -0.83 -7.03
C TRP A 303 13.42 -0.46 -6.06
N TYR A 304 13.16 -1.38 -5.13
CA TYR A 304 12.03 -1.21 -4.24
C TYR A 304 12.16 -0.27 -3.09
N ASP A 305 13.37 -0.02 -2.69
CA ASP A 305 13.50 0.84 -1.57
C ASP A 305 12.98 2.22 -1.91
N LYS A 306 13.05 2.57 -3.18
CA LYS A 306 12.59 3.87 -3.60
C LYS A 306 11.07 3.92 -3.66
N SER A 307 10.50 4.96 -3.08
CA SER A 307 9.06 5.16 -2.99
C SER A 307 8.24 5.04 -4.27
N LEU A 308 8.65 5.72 -5.33
CA LEU A 308 7.89 5.66 -6.58
C LEU A 308 8.71 5.14 -7.76
N GLN A 309 8.19 4.10 -8.39
CA GLN A 309 8.83 3.52 -9.56
C GLN A 309 7.77 3.53 -10.65
N PHE A 310 7.90 4.45 -11.61
CA PHE A 310 6.93 4.51 -12.68
C PHE A 310 7.39 3.57 -13.78
N VAL A 311 6.47 2.72 -14.23
CA VAL A 311 6.78 1.76 -15.27
C VAL A 311 6.20 2.18 -16.62
N VAL A 312 7.04 2.16 -17.65
CA VAL A 312 6.61 2.50 -19.00
C VAL A 312 7.11 1.38 -19.90
N GLY A 313 6.29 0.33 -20.01
CA GLY A 313 6.64 -0.82 -20.81
C GLY A 313 6.61 -0.60 -22.31
N ARG A 314 7.49 -1.30 -23.01
CA ARG A 314 7.58 -1.19 -24.46
C ARG A 314 6.29 -1.62 -25.14
N ASP A 315 5.61 -2.58 -24.54
CA ASP A 315 4.35 -3.08 -25.10
C ASP A 315 3.13 -2.28 -24.68
N GLY A 316 3.33 -1.22 -23.90
CA GLY A 316 2.20 -0.40 -23.49
C GLY A 316 1.75 -0.56 -22.04
N THR A 317 2.38 -1.47 -21.30
CA THR A 317 2.02 -1.68 -19.91
C THR A 317 2.70 -0.60 -19.06
N CYS A 318 1.89 0.27 -18.47
CA CYS A 318 2.40 1.36 -17.65
C CYS A 318 1.70 1.46 -16.29
N GLY A 319 2.38 2.09 -15.34
CA GLY A 319 1.82 2.26 -14.02
C GLY A 319 2.89 2.70 -13.05
N VAL A 320 2.61 2.57 -11.77
CA VAL A 320 3.58 2.95 -10.76
C VAL A 320 3.55 1.99 -9.59
N VAL A 321 4.73 1.56 -9.18
CA VAL A 321 4.90 0.65 -8.04
C VAL A 321 5.23 1.57 -6.87
N CYS A 322 4.48 1.45 -5.78
CA CYS A 322 4.69 2.32 -4.63
C CYS A 322 5.19 1.60 -3.38
N GLU A 323 6.19 2.17 -2.77
CA GLU A 323 6.67 1.70 -1.50
C GLU A 323 5.83 2.44 -0.48
N HIS A 324 5.10 1.68 0.31
CA HIS A 324 4.11 2.20 1.27
C HIS A 324 4.56 2.95 2.53
N SER A 325 5.73 2.63 3.08
CA SER A 325 6.14 3.25 4.34
C SER A 325 5.96 4.80 4.42
N PRO A 326 6.41 5.56 3.41
CA PRO A 326 6.36 7.03 3.41
C PRO A 326 5.00 7.72 3.31
N PHE A 327 4.03 7.09 2.65
CA PHE A 327 2.72 7.72 2.50
C PHE A 327 1.64 6.73 2.11
N ASP A 328 0.38 7.14 2.26
CA ASP A 328 -0.71 6.22 1.96
C ASP A 328 -1.43 6.44 0.62
N GLY A 329 -2.47 5.64 0.39
CA GLY A 329 -3.24 5.64 -0.85
C GLY A 329 -3.80 6.98 -1.36
N ILE A 330 -4.36 7.79 -0.47
CA ILE A 330 -4.94 9.07 -0.88
C ILE A 330 -3.90 9.95 -1.55
N VAL A 331 -2.76 10.11 -0.91
CA VAL A 331 -1.68 10.93 -1.46
C VAL A 331 -1.09 10.34 -2.75
N LEU A 332 -1.00 9.01 -2.80
CA LEU A 332 -0.46 8.36 -3.99
C LEU A 332 -1.35 8.60 -5.21
N VAL A 333 -2.66 8.51 -5.01
CA VAL A 333 -3.61 8.71 -6.11
C VAL A 333 -3.69 10.16 -6.58
N GLN A 334 -3.69 11.10 -5.64
CA GLN A 334 -3.75 12.51 -5.98
C GLN A 334 -2.54 12.87 -6.85
N CYS A 335 -1.37 12.32 -6.50
CA CYS A 335 -0.16 12.58 -7.25
C CYS A 335 -0.25 11.94 -8.63
N THR A 336 -0.66 10.68 -8.67
CA THR A 336 -0.78 9.94 -9.92
C THR A 336 -1.79 10.58 -10.88
N GLU A 337 -2.97 10.90 -10.38
CA GLU A 337 -3.98 11.51 -11.24
C GLU A 337 -3.58 12.88 -11.75
N HIS A 338 -2.78 13.61 -10.97
CA HIS A 338 -2.31 14.92 -11.39
C HIS A 338 -1.34 14.72 -12.56
N LEU A 339 -0.49 13.70 -12.47
CA LEU A 339 0.47 13.41 -13.53
C LEU A 339 -0.32 13.16 -14.80
N LEU A 340 -1.08 12.07 -14.77
CA LEU A 340 -1.91 11.66 -15.90
C LEU A 340 -2.72 12.79 -16.53
N LYS A 341 -3.34 13.63 -15.70
CA LYS A 341 -4.12 14.73 -16.26
C LYS A 341 -3.16 15.69 -16.95
N HIS A 342 -2.00 15.92 -16.32
CA HIS A 342 -0.99 16.80 -16.87
C HIS A 342 -0.52 16.34 -18.21
N MET A 343 -0.59 15.02 -18.38
CA MET A 343 -0.18 14.46 -19.63
C MET A 343 -1.23 14.69 -20.68
N THR A 344 -2.46 14.98 -20.33
CA THR A 344 -3.42 15.26 -21.41
C THR A 344 -3.35 16.71 -21.89
N GLN A 345 -2.54 17.56 -21.21
CA GLN A 345 -2.50 19.01 -21.52
C GLN A 345 -1.49 19.47 -22.52
N PRO A 346 -1.88 20.50 -23.27
CA PRO A 346 -0.93 21.07 -24.22
C PRO A 346 0.50 21.17 -23.62
N GLU A 347 1.53 20.70 -24.33
CA GLU A 347 2.90 20.79 -23.84
C GLU A 347 3.38 22.25 -23.74
N LEU A 348 3.67 22.75 -22.59
CA LEU A 348 4.15 24.10 -22.53
C LEU A 348 5.59 24.11 -23.10
N VAL A 349 5.85 25.08 -23.96
CA VAL A 349 7.15 25.15 -24.58
C VAL A 349 8.29 25.35 -23.62
N ARG A 350 9.21 24.35 -23.65
CA ARG A 350 10.42 24.31 -22.86
C ARG A 350 11.64 24.25 -23.77
N SER A 351 12.65 25.01 -23.33
CA SER A 351 13.90 25.31 -24.02
C SER A 351 14.96 24.23 -23.99
N PRO A 352 15.42 24.02 -25.21
CA PRO A 352 16.54 23.10 -25.46
C PRO A 352 17.76 23.33 -24.59
N MET A 353 18.51 22.26 -24.31
CA MET A 353 19.74 22.42 -23.55
C MET A 353 20.94 22.21 -24.46
N VAL A 354 21.86 23.10 -24.27
CA VAL A 354 23.06 23.14 -25.06
C VAL A 354 24.27 23.44 -24.14
N PRO A 355 25.17 22.52 -24.00
CA PRO A 355 25.12 21.19 -24.61
C PRO A 355 24.25 20.12 -23.93
N LEU A 356 24.03 18.95 -24.57
CA LEU A 356 23.28 17.94 -23.84
C LEU A 356 24.22 16.89 -23.28
N PRO A 357 24.39 16.83 -21.99
CA PRO A 357 25.16 15.65 -21.48
C PRO A 357 24.39 14.33 -21.50
N ALA A 358 25.21 13.30 -21.77
CA ALA A 358 24.87 11.89 -21.86
C ALA A 358 24.54 11.27 -20.52
N PRO A 359 23.31 10.69 -20.34
CA PRO A 359 22.96 10.11 -19.02
C PRO A 359 24.10 9.19 -18.54
N ARG A 360 24.32 9.15 -17.21
CA ARG A 360 25.38 8.31 -16.66
C ARG A 360 24.90 6.95 -16.15
N ARG A 361 25.54 5.89 -16.61
CA ARG A 361 25.19 4.55 -16.18
C ARG A 361 25.79 4.34 -14.81
N LEU A 362 25.05 3.72 -13.90
CA LEU A 362 25.57 3.45 -12.57
C LEU A 362 26.41 2.19 -12.64
N ARG A 363 27.66 2.29 -12.20
CA ARG A 363 28.57 1.15 -12.22
C ARG A 363 28.50 0.36 -10.92
N TRP A 364 28.78 -0.93 -11.01
CA TRP A 364 28.77 -1.81 -9.85
C TRP A 364 30.02 -2.68 -9.84
N LYS A 365 30.58 -2.90 -8.65
CA LYS A 365 31.76 -3.74 -8.49
C LYS A 365 31.27 -5.06 -7.91
N CYS A 366 30.99 -6.01 -8.80
CA CYS A 366 30.48 -7.33 -8.41
C CYS A 366 31.52 -8.20 -7.71
N SER A 367 31.03 -9.27 -7.07
CA SER A 367 31.90 -10.19 -6.35
C SER A 367 31.29 -11.59 -6.35
N PRO A 368 32.05 -12.59 -5.87
CA PRO A 368 31.55 -13.96 -5.83
C PRO A 368 30.37 -14.03 -4.87
N GLU A 369 30.44 -13.24 -3.81
CA GLU A 369 29.37 -13.20 -2.82
C GLU A 369 28.10 -12.67 -3.45
N ILE A 370 28.19 -11.47 -4.00
CA ILE A 370 27.05 -10.81 -4.65
C ILE A 370 26.39 -11.73 -5.66
N GLN A 371 27.22 -12.45 -6.42
CA GLN A 371 26.73 -13.38 -7.41
C GLN A 371 25.84 -14.42 -6.73
N GLY A 372 26.23 -14.82 -5.52
CA GLY A 372 25.47 -15.79 -4.76
C GLY A 372 24.18 -15.19 -4.23
N HIS A 373 24.19 -13.88 -3.98
CA HIS A 373 23.01 -13.19 -3.48
C HIS A 373 22.00 -13.02 -4.61
N LEU A 374 22.52 -12.77 -5.82
CA LEU A 374 21.64 -12.59 -6.97
C LEU A 374 20.88 -13.88 -7.24
N ALA A 375 21.60 -15.00 -7.24
CA ALA A 375 21.00 -16.31 -7.47
C ALA A 375 19.88 -16.55 -6.45
N SER A 376 20.16 -16.26 -5.18
CA SER A 376 19.16 -16.44 -4.12
C SER A 376 17.93 -15.57 -4.32
N SER A 377 18.15 -14.27 -4.54
CA SER A 377 17.06 -13.34 -4.77
C SER A 377 16.18 -13.77 -5.94
N ALA A 378 16.83 -14.27 -7.00
CA ALA A 378 16.12 -14.72 -8.19
C ALA A 378 15.13 -15.84 -7.86
N GLU A 379 15.58 -16.82 -7.08
CA GLU A 379 14.73 -17.94 -6.69
C GLU A 379 13.64 -17.46 -5.72
N LYS A 380 14.03 -16.63 -4.76
CA LYS A 380 13.09 -16.09 -3.79
C LYS A 380 11.95 -15.35 -4.48
N LEU A 381 12.32 -14.48 -5.41
CA LEU A 381 11.34 -13.68 -6.15
C LEU A 381 10.47 -14.58 -7.01
N GLN A 382 11.04 -15.66 -7.53
CA GLN A 382 10.29 -16.59 -8.36
C GLN A 382 9.19 -17.25 -7.54
N ARG A 383 9.47 -17.53 -6.26
CA ARG A 383 8.48 -18.12 -5.38
C ARG A 383 7.30 -17.17 -5.20
N ILE A 384 7.59 -15.87 -5.14
CA ILE A 384 6.53 -14.89 -4.99
C ILE A 384 5.65 -14.84 -6.24
N VAL A 385 6.28 -14.91 -7.41
CA VAL A 385 5.56 -14.89 -8.67
C VAL A 385 4.54 -16.04 -8.85
N LYS A 386 5.08 -17.25 -8.72
CA LYS A 386 4.26 -18.39 -8.90
C LYS A 386 3.27 -18.53 -7.78
N ASN A 387 3.55 -17.88 -6.65
CA ASN A 387 2.69 -17.97 -5.50
C ASN A 387 1.52 -16.99 -5.48
N LEU A 388 1.60 -15.96 -6.24
CA LEU A 388 0.48 -15.04 -6.16
C LEU A 388 -0.73 -15.46 -6.98
N ASP A 389 -1.91 -15.50 -6.33
CA ASP A 389 -3.14 -15.80 -7.01
C ASP A 389 -3.88 -14.45 -7.11
N PHE A 390 -3.83 -13.82 -8.28
CA PHE A 390 -4.43 -12.51 -8.46
C PHE A 390 -5.50 -12.42 -9.54
N ILE A 391 -6.56 -11.69 -9.24
CA ILE A 391 -7.63 -11.51 -10.21
C ILE A 391 -8.24 -10.12 -10.16
N VAL A 392 -8.56 -9.60 -11.34
CA VAL A 392 -9.19 -8.30 -11.45
C VAL A 392 -10.62 -8.58 -11.91
N TYR A 393 -11.57 -8.49 -10.98
CA TYR A 393 -12.97 -8.73 -11.29
C TYR A 393 -13.76 -7.44 -11.31
N LYS A 394 -14.43 -7.18 -12.43
CA LYS A 394 -15.21 -5.97 -12.57
C LYS A 394 -16.69 -6.26 -12.39
N PHE A 395 -17.26 -5.84 -11.27
CA PHE A 395 -18.67 -6.04 -11.01
C PHE A 395 -19.38 -4.96 -11.81
N ASP A 396 -20.21 -5.37 -12.77
CA ASP A 396 -20.89 -4.37 -13.60
C ASP A 396 -22.41 -4.30 -13.46
N ASN A 397 -22.99 -4.88 -12.43
CA ASN A 397 -24.44 -4.81 -12.28
C ASN A 397 -24.87 -3.45 -11.76
N TYR A 398 -24.05 -2.86 -10.91
CA TYR A 398 -24.35 -1.54 -10.36
C TYR A 398 -23.15 -1.00 -9.63
N GLY A 399 -23.27 0.25 -9.18
CA GLY A 399 -22.19 0.89 -8.45
C GLY A 399 -22.72 1.83 -7.39
N LYS A 400 -22.02 2.95 -7.21
CA LYS A 400 -22.38 3.97 -6.21
C LYS A 400 -23.80 4.50 -6.37
N THR A 401 -24.24 4.70 -7.61
CA THR A 401 -25.57 5.22 -7.86
C THR A 401 -26.65 4.40 -7.16
N PHE A 402 -26.66 3.10 -7.41
CA PHE A 402 -27.67 2.24 -6.77
C PHE A 402 -27.53 2.22 -5.25
N ILE A 403 -26.28 2.12 -4.78
CA ILE A 403 -26.03 2.07 -3.35
C ILE A 403 -26.49 3.30 -2.61
N LYS A 404 -26.20 4.48 -3.18
CA LYS A 404 -26.60 5.71 -2.52
C LYS A 404 -28.12 5.84 -2.49
N LYS A 405 -28.80 5.27 -3.48
CA LYS A 405 -30.26 5.32 -3.49
C LYS A 405 -30.81 4.47 -2.35
N GLN A 406 -29.94 3.69 -1.71
CA GLN A 406 -30.36 2.83 -0.60
C GLN A 406 -30.02 3.51 0.72
N LYS A 407 -29.69 4.81 0.65
CA LYS A 407 -29.32 5.58 1.83
C LYS A 407 -28.13 4.92 2.52
N CYS A 408 -27.22 4.38 1.73
CA CYS A 408 -26.02 3.73 2.26
C CYS A 408 -24.74 4.33 1.70
N SER A 409 -23.72 4.34 2.53
CA SER A 409 -22.42 4.82 2.12
C SER A 409 -21.90 3.72 1.20
N PRO A 410 -21.32 4.07 0.04
CA PRO A 410 -20.82 3.01 -0.84
C PRO A 410 -19.73 2.16 -0.17
N ASP A 411 -18.84 2.80 0.56
CA ASP A 411 -17.76 2.06 1.21
C ASP A 411 -18.27 1.04 2.21
N ALA A 412 -19.17 1.47 3.10
CA ALA A 412 -19.73 0.58 4.12
C ALA A 412 -20.52 -0.55 3.49
N PHE A 413 -21.21 -0.24 2.40
CA PHE A 413 -22.01 -1.24 1.69
C PHE A 413 -21.09 -2.33 1.16
N ILE A 414 -20.03 -1.93 0.49
CA ILE A 414 -19.08 -2.88 -0.07
C ILE A 414 -18.34 -3.64 1.03
N GLN A 415 -17.98 -2.96 2.12
CA GLN A 415 -17.29 -3.60 3.23
C GLN A 415 -18.17 -4.73 3.79
N VAL A 416 -19.48 -4.50 3.83
CA VAL A 416 -20.40 -5.52 4.31
C VAL A 416 -20.48 -6.67 3.31
N ALA A 417 -20.39 -6.34 2.02
CA ALA A 417 -20.42 -7.36 0.97
C ALA A 417 -19.22 -8.28 1.09
N LEU A 418 -18.07 -7.71 1.42
CA LEU A 418 -16.84 -8.49 1.57
C LEU A 418 -16.98 -9.46 2.74
N GLN A 419 -17.65 -9.01 3.81
CA GLN A 419 -17.87 -9.84 4.99
C GLN A 419 -18.74 -11.05 4.62
N LEU A 420 -19.80 -10.79 3.87
CA LEU A 420 -20.70 -11.86 3.45
C LEU A 420 -19.95 -12.81 2.50
N ALA A 421 -19.19 -12.25 1.57
CA ALA A 421 -18.44 -13.06 0.61
C ALA A 421 -17.49 -13.99 1.36
N PHE A 422 -16.79 -13.45 2.36
CA PHE A 422 -15.86 -14.28 3.12
C PHE A 422 -16.61 -15.37 3.89
N TYR A 423 -17.70 -14.99 4.56
CA TYR A 423 -18.48 -15.94 5.34
C TYR A 423 -19.09 -17.07 4.52
N ARG A 424 -19.71 -16.72 3.40
CA ARG A 424 -20.36 -17.73 2.55
C ARG A 424 -19.36 -18.69 1.94
N LEU A 425 -18.11 -18.23 1.77
CA LEU A 425 -17.06 -19.06 1.18
C LEU A 425 -16.32 -19.91 2.21
N HIS A 426 -15.93 -19.31 3.33
CA HIS A 426 -15.17 -20.02 4.34
C HIS A 426 -15.90 -20.38 5.63
N ARG A 427 -17.14 -19.92 5.75
CA ARG A 427 -17.95 -20.24 6.92
C ARG A 427 -17.53 -19.64 8.25
N ARG A 428 -16.93 -18.49 8.23
CA ARG A 428 -16.49 -17.82 9.41
C ARG A 428 -16.06 -16.41 9.01
N LEU A 429 -16.08 -15.53 9.97
CA LEU A 429 -15.60 -14.21 9.77
C LEU A 429 -14.16 -14.17 10.33
N VAL A 430 -13.42 -13.14 10.01
CA VAL A 430 -12.07 -13.08 10.49
C VAL A 430 -11.67 -11.65 10.75
N PRO A 431 -10.63 -11.44 11.57
CA PRO A 431 -10.19 -10.07 11.81
C PRO A 431 -9.96 -9.44 10.46
N THR A 432 -10.63 -8.33 10.22
CA THR A 432 -10.51 -7.64 8.94
C THR A 432 -9.89 -6.27 9.11
N TYR A 433 -9.09 -5.89 8.12
CA TYR A 433 -8.42 -4.61 8.12
C TYR A 433 -8.96 -3.68 7.04
N GLU A 434 -9.16 -2.42 7.42
CA GLU A 434 -9.58 -1.39 6.48
C GLU A 434 -9.04 -0.09 7.05
N SER A 435 -8.17 0.56 6.30
CA SER A 435 -7.57 1.81 6.74
C SER A 435 -8.52 2.98 6.83
N ALA A 436 -8.36 3.75 7.91
CA ALA A 436 -9.13 4.95 8.16
C ALA A 436 -8.08 6.06 8.26
N SER A 437 -8.20 7.07 7.42
CA SER A 437 -7.24 8.16 7.44
C SER A 437 -7.43 9.06 8.65
N ILE A 438 -6.34 9.32 9.37
CA ILE A 438 -6.39 10.20 10.53
C ILE A 438 -5.52 11.44 10.27
N ARG A 439 -5.55 11.93 9.02
CA ARG A 439 -4.76 13.09 8.63
C ARG A 439 -5.29 14.39 9.21
N ARG A 440 -6.39 14.27 9.99
CA ARG A 440 -6.89 15.44 10.65
C ARG A 440 -5.82 15.93 11.63
N PHE A 441 -5.18 14.98 12.28
CA PHE A 441 -4.17 15.23 13.32
C PHE A 441 -2.74 15.21 12.78
N GLN A 442 -1.88 16.03 13.38
CA GLN A 442 -0.48 16.14 12.97
C GLN A 442 0.16 14.79 12.66
N GLU A 443 0.92 14.75 11.57
CA GLU A 443 1.64 13.54 11.14
C GLU A 443 0.73 12.33 11.01
N GLY A 444 -0.57 12.59 10.92
CA GLY A 444 -1.53 11.50 10.83
C GLY A 444 -1.42 10.60 9.62
N ARG A 445 -1.31 9.30 9.89
CA ARG A 445 -1.26 8.30 8.83
C ARG A 445 -2.60 7.63 8.77
N VAL A 446 -2.72 6.50 9.43
CA VAL A 446 -3.99 5.83 9.46
C VAL A 446 -4.15 5.07 10.74
N ASP A 447 -5.30 4.46 10.74
CA ASP A 447 -5.70 3.53 11.77
C ASP A 447 -6.54 2.45 11.13
N ASN A 448 -7.16 1.66 11.98
CA ASN A 448 -7.90 0.52 11.45
C ASN A 448 -9.38 0.51 11.74
N ILE A 449 -10.11 0.12 10.71
CA ILE A 449 -11.56 -0.02 10.85
C ILE A 449 -11.83 -1.52 10.93
N ARG A 450 -12.40 -2.04 12.01
CA ARG A 450 -12.63 -3.48 12.11
C ARG A 450 -14.01 -3.84 11.58
N SER A 451 -14.03 -4.14 10.28
CA SER A 451 -15.26 -4.47 9.57
C SER A 451 -15.96 -5.76 9.95
N ALA A 452 -15.25 -6.67 10.63
CA ALA A 452 -15.84 -7.93 11.04
C ALA A 452 -16.61 -7.70 12.35
N THR A 453 -17.64 -6.86 12.26
CA THR A 453 -18.47 -6.48 13.39
C THR A 453 -19.48 -7.54 13.84
N PRO A 454 -20.03 -7.39 15.05
CA PRO A 454 -21.02 -8.35 15.56
C PRO A 454 -22.25 -8.32 14.63
N GLU A 455 -22.61 -7.12 14.19
CA GLU A 455 -23.75 -6.92 13.29
C GLU A 455 -23.48 -7.63 11.95
N ALA A 456 -22.24 -7.58 11.49
CA ALA A 456 -21.89 -8.23 10.24
C ALA A 456 -22.12 -9.73 10.40
N LEU A 457 -21.76 -10.27 11.57
CA LEU A 457 -21.94 -11.69 11.83
C LEU A 457 -23.43 -12.09 11.81
N ALA A 458 -24.27 -11.29 12.46
CA ALA A 458 -25.70 -11.59 12.49
C ALA A 458 -26.27 -11.56 11.07
N PHE A 459 -25.78 -10.62 10.26
CA PHE A 459 -26.25 -10.51 8.89
C PHE A 459 -25.84 -11.68 8.01
N VAL A 460 -24.55 -12.00 8.02
CA VAL A 460 -24.06 -13.09 7.18
C VAL A 460 -24.64 -14.43 7.62
N ARG A 461 -24.87 -14.59 8.92
CA ARG A 461 -25.45 -15.84 9.41
C ARG A 461 -26.88 -16.02 8.93
N ALA A 462 -27.67 -14.96 9.04
CA ALA A 462 -29.06 -15.01 8.61
C ALA A 462 -29.16 -15.32 7.12
N VAL A 463 -28.20 -14.82 6.34
CA VAL A 463 -28.19 -15.03 4.90
C VAL A 463 -27.77 -16.44 4.50
N THR A 464 -26.76 -16.97 5.17
CA THR A 464 -26.24 -18.30 4.85
C THR A 464 -26.85 -19.50 5.56
N ASP A 465 -27.55 -19.28 6.68
CA ASP A 465 -28.15 -20.39 7.42
C ASP A 465 -29.53 -20.81 6.86
N HIS A 466 -29.52 -21.58 5.78
CA HIS A 466 -30.76 -22.04 5.15
C HIS A 466 -31.76 -22.57 6.17
N LYS A 467 -31.26 -23.43 7.06
CA LYS A 467 -32.11 -24.05 8.07
C LYS A 467 -32.81 -23.12 9.04
N ALA A 468 -32.41 -21.86 9.09
CA ALA A 468 -33.05 -20.91 9.99
C ALA A 468 -34.26 -20.31 9.27
N ALA A 469 -34.18 -20.24 7.95
CA ALA A 469 -35.27 -19.69 7.13
C ALA A 469 -35.62 -18.27 7.52
N VAL A 470 -34.61 -17.44 7.74
CA VAL A 470 -34.89 -16.07 8.12
C VAL A 470 -35.60 -15.32 6.98
N PRO A 471 -36.71 -14.65 7.28
CA PRO A 471 -37.46 -13.91 6.27
C PRO A 471 -36.57 -12.84 5.61
N ALA A 472 -36.77 -12.62 4.31
CA ALA A 472 -35.99 -11.63 3.58
C ALA A 472 -36.13 -10.26 4.24
N SER A 473 -37.32 -9.97 4.77
CA SER A 473 -37.55 -8.69 5.42
C SER A 473 -36.61 -8.56 6.63
N GLU A 474 -36.41 -9.65 7.35
CA GLU A 474 -35.53 -9.64 8.51
C GLU A 474 -34.08 -9.47 8.04
N LYS A 475 -33.71 -10.18 6.97
CA LYS A 475 -32.36 -10.08 6.45
C LYS A 475 -32.04 -8.63 6.07
N LEU A 476 -33.00 -7.94 5.48
CA LEU A 476 -32.79 -6.55 5.09
C LEU A 476 -32.51 -5.68 6.31
N LEU A 477 -33.25 -5.91 7.39
CA LEU A 477 -33.03 -5.14 8.62
C LEU A 477 -31.60 -5.39 9.10
N LEU A 478 -31.20 -6.65 9.11
CA LEU A 478 -29.86 -7.02 9.54
C LEU A 478 -28.83 -6.42 8.61
N LEU A 479 -29.19 -6.30 7.34
CA LEU A 479 -28.28 -5.74 6.34
C LEU A 479 -28.04 -4.28 6.69
N LYS A 480 -29.12 -3.51 6.85
CA LYS A 480 -28.99 -2.09 7.16
C LYS A 480 -28.30 -1.83 8.50
N ASP A 481 -28.49 -2.71 9.47
CA ASP A 481 -27.85 -2.53 10.77
C ASP A 481 -26.35 -2.76 10.66
N ALA A 482 -25.95 -3.70 9.80
CA ALA A 482 -24.55 -4.02 9.57
C ALA A 482 -23.86 -2.82 8.91
N ILE A 483 -24.53 -2.20 7.94
CA ILE A 483 -23.99 -1.04 7.24
C ILE A 483 -23.89 0.15 8.20
N ARG A 484 -24.89 0.29 9.07
CA ARG A 484 -24.90 1.36 10.06
C ARG A 484 -23.70 1.17 10.98
N ALA A 485 -23.47 -0.08 11.40
CA ALA A 485 -22.35 -0.40 12.27
C ALA A 485 -21.02 -0.10 11.57
N GLN A 486 -20.92 -0.46 10.30
CA GLN A 486 -19.72 -0.24 9.49
C GLN A 486 -19.39 1.25 9.49
N THR A 487 -20.39 2.05 9.15
CA THR A 487 -20.24 3.50 9.08
C THR A 487 -19.88 4.10 10.43
N ALA A 488 -20.50 3.59 11.49
CA ALA A 488 -20.20 4.07 12.84
C ALA A 488 -18.75 3.78 13.22
N TYR A 489 -18.25 2.59 12.88
CA TYR A 489 -16.87 2.26 13.21
C TYR A 489 -15.93 3.16 12.41
N THR A 490 -16.29 3.37 11.14
CA THR A 490 -15.52 4.23 10.25
C THR A 490 -15.36 5.64 10.85
N VAL A 491 -16.47 6.21 11.30
CA VAL A 491 -16.43 7.55 11.89
C VAL A 491 -15.59 7.54 13.17
N MET A 492 -15.71 6.48 13.95
CA MET A 492 -14.96 6.35 15.19
C MET A 492 -13.45 6.36 14.88
N ALA A 493 -13.05 5.54 13.90
CA ALA A 493 -11.65 5.45 13.51
C ALA A 493 -11.05 6.76 12.98
N ILE A 494 -11.75 7.41 12.04
CA ILE A 494 -11.25 8.66 11.47
C ILE A 494 -11.13 9.80 12.48
N THR A 495 -11.95 9.80 13.52
CA THR A 495 -11.89 10.83 14.55
C THR A 495 -10.89 10.43 15.65
N GLY A 496 -10.10 9.39 15.38
CA GLY A 496 -9.11 8.94 16.34
C GLY A 496 -9.63 8.26 17.60
N MET A 497 -10.86 7.74 17.56
CA MET A 497 -11.47 7.09 18.75
C MET A 497 -11.52 5.59 18.62
N ALA A 498 -10.69 5.03 17.79
CA ALA A 498 -10.71 3.56 17.61
C ALA A 498 -9.74 2.79 18.51
N ILE A 499 -9.46 1.48 18.28
CA ILE A 499 -8.61 0.77 19.25
C ILE A 499 -7.21 0.32 18.80
N ASP A 500 -6.96 0.13 17.52
CA ASP A 500 -5.62 -0.39 17.12
C ASP A 500 -4.42 0.46 17.52
N ASN A 501 -4.37 1.72 17.11
CA ASN A 501 -3.23 2.56 17.49
C ASN A 501 -3.08 2.67 19.00
N HIS A 502 -4.21 2.79 19.70
CA HIS A 502 -4.21 2.92 21.15
C HIS A 502 -3.55 1.71 21.80
N LEU A 503 -4.02 0.52 21.46
CA LEU A 503 -3.47 -0.70 22.02
C LEU A 503 -1.99 -0.84 21.68
N LEU A 504 -1.63 -0.47 20.44
CA LEU A 504 -0.24 -0.54 20.00
C LEU A 504 0.66 0.29 20.91
N ALA A 505 0.28 1.54 21.14
CA ALA A 505 1.07 2.43 21.99
C ALA A 505 1.15 1.89 23.41
N LEU A 506 0.04 1.38 23.92
CA LEU A 506 0.01 0.83 25.28
C LEU A 506 0.95 -0.36 25.35
N ARG A 507 0.94 -1.18 24.30
CA ARG A 507 1.78 -2.37 24.22
C ARG A 507 3.27 -2.01 24.22
N GLU A 508 3.64 -1.07 23.36
CA GLU A 508 5.03 -0.67 23.26
C GLU A 508 5.53 0.12 24.47
N LEU A 509 4.63 0.86 25.12
CA LEU A 509 5.04 1.61 26.32
C LEU A 509 5.31 0.58 27.42
N ALA A 510 4.57 -0.51 27.41
CA ALA A 510 4.77 -1.57 28.39
C ALA A 510 6.12 -2.23 28.12
N ARG A 511 6.36 -2.53 26.84
CA ARG A 511 7.61 -3.17 26.43
C ARG A 511 8.80 -2.35 26.90
N ALA A 512 8.67 -1.03 26.89
CA ALA A 512 9.74 -0.15 27.35
C ALA A 512 9.96 -0.34 28.83
N MET A 513 8.89 -0.67 29.56
CA MET A 513 8.98 -0.89 31.00
C MET A 513 9.64 -2.24 31.31
N CYS A 514 9.29 -3.25 30.53
CA CYS A 514 9.82 -4.59 30.71
C CYS A 514 9.60 -5.39 29.44
N ALA A 515 10.66 -6.04 28.95
CA ALA A 515 10.60 -6.84 27.73
C ALA A 515 9.48 -7.87 27.77
N ALA A 516 9.10 -8.31 28.96
CA ALA A 516 8.03 -9.28 29.11
C ALA A 516 6.70 -8.53 29.09
N LEU A 517 5.97 -8.65 27.98
CA LEU A 517 4.69 -7.95 27.84
C LEU A 517 3.61 -8.44 28.80
N PRO A 518 2.65 -7.57 29.12
CA PRO A 518 1.54 -7.90 30.02
C PRO A 518 0.73 -9.03 29.39
N GLU A 519 0.05 -9.83 30.21
CA GLU A 519 -0.74 -10.92 29.68
C GLU A 519 -1.74 -10.37 28.67
N MET A 520 -2.14 -9.11 28.87
CA MET A 520 -3.08 -8.42 28.00
C MET A 520 -2.69 -8.56 26.52
N PHE A 521 -1.40 -8.39 26.23
CA PHE A 521 -0.91 -8.49 24.87
C PHE A 521 -0.29 -9.82 24.49
N MET A 522 -0.18 -10.74 25.46
CA MET A 522 0.36 -12.06 25.18
C MET A 522 -0.81 -12.99 24.90
N ASP A 523 -2.00 -12.55 25.31
CA ASP A 523 -3.24 -13.29 25.11
C ASP A 523 -3.39 -13.66 23.63
N GLU A 524 -3.70 -14.92 23.35
CA GLU A 524 -3.86 -15.36 21.97
C GLU A 524 -4.94 -14.54 21.28
N THR A 525 -5.91 -14.06 22.04
CA THR A 525 -6.99 -13.25 21.47
C THR A 525 -6.45 -11.97 20.85
N TYR A 526 -5.47 -11.37 21.52
CA TYR A 526 -4.87 -10.16 21.00
C TYR A 526 -4.05 -10.46 19.76
N LEU A 527 -3.25 -11.53 19.82
CA LEU A 527 -2.40 -11.92 18.69
C LEU A 527 -3.25 -12.24 17.46
N MET A 528 -4.37 -12.92 17.65
CA MET A 528 -5.26 -13.27 16.56
C MET A 528 -5.97 -12.02 16.01
N SER A 529 -6.29 -11.07 16.87
CA SER A 529 -6.99 -9.86 16.44
C SER A 529 -6.17 -9.05 15.44
N ASN A 530 -4.86 -9.27 15.41
CA ASN A 530 -4.03 -8.53 14.48
C ASN A 530 -3.53 -9.33 13.28
N ARG A 531 -4.15 -10.46 13.02
CA ARG A 531 -3.81 -11.29 11.86
C ARG A 531 -4.96 -11.07 10.90
N PHE A 532 -4.80 -10.07 10.05
CA PHE A 532 -5.85 -9.70 9.12
C PHE A 532 -5.98 -10.61 7.91
N VAL A 533 -6.74 -11.68 8.10
CA VAL A 533 -6.99 -12.68 7.06
C VAL A 533 -7.68 -12.00 5.88
N LEU A 534 -8.38 -10.90 6.16
CA LEU A 534 -9.02 -10.13 5.11
C LEU A 534 -8.50 -8.70 5.23
N SER A 535 -7.60 -8.33 4.32
CA SER A 535 -7.03 -6.98 4.33
C SER A 535 -7.65 -6.23 3.16
N THR A 536 -8.34 -5.14 3.47
CA THR A 536 -9.02 -4.38 2.42
C THR A 536 -8.67 -2.91 2.35
N SER A 537 -9.17 -2.26 1.31
CA SER A 537 -8.96 -0.83 1.11
C SER A 537 -9.74 -0.38 -0.12
N GLN A 538 -10.28 0.83 -0.04
CA GLN A 538 -11.01 1.39 -1.16
C GLN A 538 -10.05 2.40 -1.77
N VAL A 539 -9.84 2.30 -3.06
CA VAL A 539 -8.97 3.24 -3.75
C VAL A 539 -9.72 3.73 -4.98
N PRO A 540 -10.64 4.68 -4.76
CA PRO A 540 -11.45 5.25 -5.85
C PRO A 540 -10.61 6.16 -6.72
N THR A 541 -10.82 6.06 -8.03
CA THR A 541 -10.08 6.89 -8.97
C THR A 541 -11.07 7.47 -9.97
N THR A 542 -10.71 8.59 -10.57
CA THR A 542 -11.55 9.25 -11.56
C THR A 542 -10.98 8.92 -12.94
N THR A 543 -9.78 8.36 -12.94
CA THR A 543 -9.10 7.98 -14.18
C THR A 543 -9.33 6.48 -14.41
N GLU A 544 -8.95 5.99 -15.58
CA GLU A 544 -9.12 4.58 -15.89
C GLU A 544 -7.92 3.79 -15.36
N MET A 545 -7.64 3.93 -14.08
CA MET A 545 -6.53 3.21 -13.44
C MET A 545 -7.04 2.53 -12.17
N PHE A 546 -6.28 1.58 -11.66
CA PHE A 546 -6.70 0.88 -10.45
C PHE A 546 -5.53 0.48 -9.57
N CYS A 547 -5.79 0.32 -8.28
CA CYS A 547 -4.75 -0.06 -7.34
C CYS A 547 -4.93 -1.50 -6.87
N CYS A 548 -3.83 -2.14 -6.49
CA CYS A 548 -3.88 -3.52 -6.02
C CYS A 548 -2.70 -3.84 -5.12
N TYR A 549 -2.87 -4.86 -4.30
CA TYR A 549 -1.82 -5.30 -3.38
C TYR A 549 -2.08 -6.74 -2.94
N GLY A 550 -1.06 -7.35 -2.33
CA GLY A 550 -1.19 -8.72 -1.89
C GLY A 550 -1.76 -8.84 -0.49
N PRO A 551 -1.97 -10.07 -0.01
CA PRO A 551 -2.50 -10.36 1.32
C PRO A 551 -1.44 -9.98 2.36
N VAL A 552 -1.80 -9.94 3.64
CA VAL A 552 -0.83 -9.61 4.69
C VAL A 552 -0.49 -10.83 5.53
N VAL A 553 -1.30 -11.89 5.42
CA VAL A 553 -1.04 -13.13 6.14
C VAL A 553 -1.14 -14.29 5.14
N PRO A 554 -0.35 -15.36 5.34
CA PRO A 554 -0.33 -16.54 4.47
C PRO A 554 -1.67 -17.10 4.02
N ASN A 555 -2.65 -17.15 4.93
CA ASN A 555 -3.97 -17.68 4.62
C ASN A 555 -5.02 -16.58 4.40
N GLY A 556 -4.57 -15.43 3.92
CA GLY A 556 -5.53 -14.35 3.73
C GLY A 556 -5.72 -13.83 2.29
N TYR A 557 -6.53 -12.76 2.21
CA TYR A 557 -6.84 -12.13 0.96
C TYR A 557 -6.41 -10.67 0.97
N GLY A 558 -6.37 -10.20 -0.26
CA GLY A 558 -6.04 -8.86 -0.59
C GLY A 558 -7.20 -8.34 -1.39
N ALA A 559 -7.96 -7.40 -0.85
CA ALA A 559 -9.11 -6.91 -1.55
C ALA A 559 -9.13 -5.38 -1.64
N CYS A 560 -8.79 -4.89 -2.84
CA CYS A 560 -8.78 -3.47 -3.11
C CYS A 560 -9.86 -3.16 -4.16
N TYR A 561 -10.84 -2.34 -3.80
CA TYR A 561 -11.91 -2.00 -4.73
C TYR A 561 -11.95 -0.53 -5.15
N ASN A 562 -12.53 -0.30 -6.32
CA ASN A 562 -12.65 1.02 -6.90
C ASN A 562 -14.11 1.19 -7.35
N PRO A 563 -14.95 1.80 -6.52
CA PRO A 563 -16.34 1.97 -6.91
C PRO A 563 -16.58 3.14 -7.85
N GLN A 564 -17.33 2.88 -8.91
CA GLN A 564 -17.69 3.90 -9.89
C GLN A 564 -19.20 4.05 -9.82
N PRO A 565 -19.77 5.03 -10.55
CA PRO A 565 -21.22 5.21 -10.51
C PRO A 565 -22.05 3.98 -10.84
N GLU A 566 -21.64 3.22 -11.87
CA GLU A 566 -22.41 2.06 -12.28
C GLU A 566 -21.70 0.70 -12.16
N THR A 567 -20.47 0.71 -11.63
CA THR A 567 -19.72 -0.53 -11.49
C THR A 567 -18.77 -0.44 -10.31
N ILE A 568 -18.13 -1.55 -9.99
CA ILE A 568 -17.16 -1.61 -8.90
C ILE A 568 -16.05 -2.58 -9.33
N LEU A 569 -14.81 -2.09 -9.33
CA LEU A 569 -13.69 -2.92 -9.70
C LEU A 569 -13.13 -3.58 -8.45
N PHE A 570 -12.84 -4.87 -8.54
CA PHE A 570 -12.31 -5.61 -7.41
C PHE A 570 -10.99 -6.26 -7.76
N CYS A 571 -9.95 -5.94 -7.00
CA CYS A 571 -8.64 -6.55 -7.20
C CYS A 571 -8.45 -7.46 -6.02
N ILE A 572 -8.46 -8.76 -6.30
CA ILE A 572 -8.36 -9.77 -5.25
C ILE A 572 -7.11 -10.63 -5.33
N SER A 573 -6.37 -10.66 -4.23
CA SER A 573 -5.15 -11.44 -4.13
C SER A 573 -5.19 -12.42 -2.97
N SER A 574 -4.47 -13.52 -3.12
CA SER A 574 -4.37 -14.55 -2.10
C SER A 574 -3.18 -15.41 -2.54
N PHE A 575 -2.75 -16.33 -1.68
CA PHE A 575 -1.60 -17.16 -2.03
C PHE A 575 -2.00 -18.58 -2.41
N HIS A 576 -1.38 -19.09 -3.48
CA HIS A 576 -1.67 -20.43 -3.98
C HIS A 576 -1.25 -21.50 -2.97
N SER A 577 -0.31 -21.12 -2.10
CA SER A 577 0.21 -22.02 -1.08
C SER A 577 -0.87 -22.43 -0.07
N CYS A 578 -1.83 -21.55 0.16
CA CYS A 578 -2.92 -21.83 1.09
C CYS A 578 -4.08 -22.46 0.32
N ALA A 579 -4.35 -23.72 0.62
CA ALA A 579 -5.42 -24.46 -0.03
C ALA A 579 -6.82 -23.91 0.26
N ALA A 580 -6.99 -23.19 1.34
CA ALA A 580 -8.30 -22.65 1.67
C ALA A 580 -8.70 -21.49 0.76
N THR A 581 -7.82 -20.51 0.65
CA THR A 581 -8.11 -19.33 -0.17
C THR A 581 -8.10 -19.58 -1.67
N SER A 582 -8.90 -18.77 -2.36
CA SER A 582 -9.01 -18.83 -3.81
C SER A 582 -9.51 -17.47 -4.27
N SER A 583 -8.71 -16.77 -5.06
CA SER A 583 -9.11 -15.47 -5.54
C SER A 583 -10.34 -15.57 -6.43
N SER A 584 -10.35 -16.56 -7.32
CA SER A 584 -11.48 -16.78 -8.22
C SER A 584 -12.77 -16.97 -7.44
N LYS A 585 -12.75 -17.92 -6.50
CA LYS A 585 -13.93 -18.19 -5.69
C LYS A 585 -14.35 -16.99 -4.86
N PHE A 586 -13.39 -16.28 -4.29
CA PHE A 586 -13.74 -15.12 -3.49
C PHE A 586 -14.37 -14.04 -4.36
N ALA A 587 -13.86 -13.86 -5.58
CA ALA A 587 -14.43 -12.87 -6.49
C ALA A 587 -15.87 -13.26 -6.80
N LYS A 588 -16.09 -14.56 -6.97
CA LYS A 588 -17.41 -15.09 -7.25
C LYS A 588 -18.33 -14.83 -6.06
N ALA A 589 -17.83 -15.08 -4.85
CA ALA A 589 -18.63 -14.88 -3.64
C ALA A 589 -18.99 -13.40 -3.48
N VAL A 590 -18.11 -12.52 -3.95
CA VAL A 590 -18.35 -11.09 -3.87
C VAL A 590 -19.53 -10.73 -4.78
N GLU A 591 -19.53 -11.32 -5.97
CA GLU A 591 -20.59 -11.08 -6.94
C GLU A 591 -21.93 -11.51 -6.36
N GLU A 592 -21.96 -12.72 -5.81
CA GLU A 592 -23.18 -13.25 -5.23
C GLU A 592 -23.63 -12.40 -4.05
N SER A 593 -22.66 -11.91 -3.27
CA SER A 593 -23.00 -11.08 -2.12
C SER A 593 -23.61 -9.75 -2.54
N LEU A 594 -23.05 -9.13 -3.57
CA LEU A 594 -23.57 -7.85 -4.07
C LEU A 594 -24.96 -8.04 -4.68
N ILE A 595 -25.17 -9.16 -5.37
CA ILE A 595 -26.47 -9.44 -5.96
C ILE A 595 -27.47 -9.67 -4.83
N ASP A 596 -27.10 -10.53 -3.87
CA ASP A 596 -27.98 -10.81 -2.73
C ASP A 596 -28.41 -9.52 -2.04
N MET A 597 -27.45 -8.62 -1.84
CA MET A 597 -27.73 -7.35 -1.17
C MET A 597 -28.62 -6.44 -1.99
N ARG A 598 -28.45 -6.47 -3.31
CA ARG A 598 -29.29 -5.66 -4.20
C ARG A 598 -30.74 -6.13 -4.02
N ASP A 599 -30.96 -7.43 -4.19
CA ASP A 599 -32.29 -8.03 -4.06
C ASP A 599 -32.91 -7.70 -2.71
N LEU A 600 -32.09 -7.70 -1.67
CA LEU A 600 -32.54 -7.40 -0.32
C LEU A 600 -33.06 -5.95 -0.27
N CYS A 601 -32.31 -5.03 -0.85
CA CYS A 601 -32.70 -3.62 -0.86
C CYS A 601 -33.85 -3.36 -1.85
N SER A 602 -34.26 -4.39 -2.56
CA SER A 602 -35.29 -4.23 -3.53
C SER A 602 -36.53 -5.02 -3.20
N LEU A 603 -36.82 -5.29 -1.95
CA LEU A 603 -38.01 -6.07 -1.70
C LEU A 603 -39.24 -5.20 -1.78
N LEU A 604 -39.31 -4.44 -0.65
CA LEU A 604 -40.39 -3.51 -0.32
C LEU A 604 -40.29 -3.09 1.14
#